data_6N67
#
_entry.id   6N67
#
_cell.length_a   49.729
_cell.length_b   56.580
_cell.length_c   173.879
_cell.angle_alpha   90.000
_cell.angle_beta   90.000
_cell.angle_gamma   90.000
#
_symmetry.space_group_name_H-M   'P 21 21 21'
#
loop_
_entity.id
_entity.type
_entity.pdbx_description
1 polymer 'tRNA ligase'
2 non-polymer 'DIPHOSPHOMETHYLPHOSPHONIC ACID ADENOSYL ESTER'
3 non-polymer 'SULFATE ION'
4 non-polymer 'CHLORIDE ION'
5 non-polymer GLYCEROL
6 water water
#
_entity_poly.entity_id   1
_entity_poly.type   'polypeptide(L)'
_entity_poly.pdbx_seq_one_letter_code
;(MSE)GSSHHHHHHSSGLVPRGSH(MSE)DGTAEKQRDSLASRYKASTDYAKDAEGLTAPYVSQDPQETAALVRALDDAA
KKGKKSGGFSVKKTRYAVASSPTGAEVDSWRFNDWDYKKPDLPTYARGLFTTRTQHGVPEIAVRGYDKFFNIDETRDTAW
SAIRERTKGPYELTLKENGCIIFISGLEDGTLLVCSKHSTGDRSDVALSHSSAGEKHLEAQLERIGKTKEELARELRKRN
ATAVAELCDDSFEEHILAYGPDKAGLYLHGINLNIPEFITYPSPLVQKFAEDWGFRKTGLIIIDNIDDVKAFLEEVAETG
AHDGRDVEGFVIRCKKSTNPGVGPYHDWFFKYKFEEPYL(MSE)YRQWRECTKALISGKQPKIKKHVKITEEYLLYARKR
LAADPKLAKLYNQNHGIIKLRNDFLEYKN(MSE)KGTDAANLEDDGAASV
;
_entity_poly.pdbx_strand_id   A
#
loop_
_chem_comp.id
_chem_comp.type
_chem_comp.name
_chem_comp.formula
APC non-polymer 'DIPHOSPHOMETHYLPHOSPHONIC ACID ADENOSYL ESTER' 'C11 H18 N5 O12 P3'
CL non-polymer 'CHLORIDE ION' 'Cl -1'
GOL non-polymer GLYCEROL 'C3 H8 O3'
SO4 non-polymer 'SULFATE ION' 'O4 S -2'
#
# COMPACT_ATOMS: atom_id res chain seq x y z
N ALA A 33 -14.89 14.54 17.83
CA ALA A 33 -13.40 14.71 17.63
C ALA A 33 -13.06 14.70 16.13
N SER A 34 -13.92 15.30 15.29
CA SER A 34 -13.64 15.57 13.85
C SER A 34 -13.30 17.05 13.68
N ARG A 35 -12.53 17.59 14.63
CA ARG A 35 -11.69 18.79 14.49
C ARG A 35 -10.41 18.43 13.72
N TYR A 36 -9.93 17.20 13.88
CA TYR A 36 -8.75 16.64 13.17
C TYR A 36 -9.06 16.49 11.68
N LYS A 37 -8.19 17.02 10.81
CA LYS A 37 -8.28 16.86 9.33
C LYS A 37 -6.92 16.39 8.78
N ALA A 38 -6.92 15.31 8.01
CA ALA A 38 -5.75 14.80 7.25
C ALA A 38 -5.10 15.96 6.48
N SER A 39 -3.80 16.18 6.63
CA SER A 39 -3.06 17.31 6.04
C SER A 39 -1.87 16.79 5.21
N THR A 40 -1.54 17.48 4.13
CA THR A 40 -0.31 17.28 3.32
C THR A 40 0.57 18.52 3.43
N ASP A 41 0.48 19.20 4.58
CA ASP A 41 1.19 20.47 4.87
C ASP A 41 2.23 20.26 5.98
N TYR A 42 2.81 19.06 6.12
CA TYR A 42 3.72 18.72 7.24
C TYR A 42 5.20 18.92 6.87
N ALA A 43 5.53 18.85 5.58
CA ALA A 43 6.91 18.99 5.04
C ALA A 43 7.64 20.17 5.73
N LYS A 44 6.93 21.26 6.09
CA LYS A 44 7.54 22.43 6.78
C LYS A 44 8.11 22.02 8.14
N ASP A 45 7.42 21.17 8.90
CA ASP A 45 7.82 20.69 10.25
C ASP A 45 9.02 19.73 10.17
N ALA A 46 9.29 19.17 8.99
CA ALA A 46 10.41 18.26 8.73
C ALA A 46 11.76 18.98 8.90
N GLU A 47 11.79 20.32 8.77
CA GLU A 47 13.03 21.15 8.92
C GLU A 47 13.73 20.84 10.26
N GLY A 48 12.95 20.62 11.32
CA GLY A 48 13.46 20.34 12.68
C GLY A 48 13.70 18.85 12.92
N LEU A 49 13.35 17.96 11.97
CA LEU A 49 13.54 16.49 12.11
C LEU A 49 14.76 16.03 11.30
N THR A 50 15.30 14.86 11.61
CA THR A 50 16.39 14.26 10.79
C THR A 50 16.03 12.80 10.50
N ALA A 51 16.30 12.37 9.26
CA ALA A 51 16.00 11.02 8.75
C ALA A 51 16.76 9.98 9.57
N PRO A 52 16.13 8.87 9.97
CA PRO A 52 16.87 7.74 10.51
C PRO A 52 17.81 7.20 9.43
N TYR A 53 19.00 6.79 9.84
CA TYR A 53 19.98 6.12 8.94
C TYR A 53 20.68 5.00 9.71
N VAL A 54 20.73 3.82 9.12
CA VAL A 54 21.45 2.61 9.58
C VAL A 54 21.99 1.97 8.31
N SER A 55 23.30 1.71 8.23
CA SER A 55 23.96 1.07 7.07
C SER A 55 23.67 -0.42 7.12
N GLN A 56 23.86 -1.15 6.03
CA GLN A 56 23.66 -2.63 6.05
C GLN A 56 24.90 -3.29 6.65
N ASP A 57 24.69 -4.42 7.32
CA ASP A 57 25.76 -5.32 7.81
C ASP A 57 25.73 -6.56 6.92
N PRO A 58 26.71 -6.71 6.01
CA PRO A 58 26.70 -7.83 5.06
C PRO A 58 26.56 -9.21 5.72
N GLN A 59 27.14 -9.39 6.91
CA GLN A 59 27.10 -10.67 7.66
C GLN A 59 25.66 -10.92 8.09
N GLU A 60 24.96 -9.93 8.64
CA GLU A 60 23.53 -10.09 9.01
C GLU A 60 22.69 -10.29 7.75
N THR A 61 23.04 -9.66 6.63
CA THR A 61 22.28 -9.85 5.38
C THR A 61 22.47 -11.30 4.89
N ALA A 62 23.71 -11.77 4.83
CA ALA A 62 24.02 -13.17 4.43
C ALA A 62 23.26 -14.16 5.31
N ALA A 63 23.21 -13.93 6.63
CA ALA A 63 22.53 -14.84 7.58
C ALA A 63 21.04 -14.83 7.26
N LEU A 64 20.45 -13.66 7.00
CA LEU A 64 19.02 -13.57 6.63
C LEU A 64 18.75 -14.35 5.35
N VAL A 65 19.59 -14.17 4.33
CA VAL A 65 19.39 -14.87 3.01
C VAL A 65 19.52 -16.39 3.20
N ARG A 66 20.52 -16.84 3.97
CA ARG A 66 20.71 -18.27 4.32
C ARG A 66 19.40 -18.81 4.92
N ALA A 67 18.82 -18.11 5.90
CA ALA A 67 17.59 -18.50 6.64
C ALA A 67 16.40 -18.53 5.68
N LEU A 68 16.33 -17.57 4.75
CA LEU A 68 15.27 -17.54 3.71
C LEU A 68 15.47 -18.71 2.75
N ASP A 69 16.69 -18.93 2.24
CA ASP A 69 16.97 -20.06 1.30
C ASP A 69 16.54 -21.39 1.94
N ASP A 70 16.93 -21.64 3.19
CA ASP A 70 16.61 -22.89 3.94
C ASP A 70 15.10 -23.08 4.00
N ALA A 71 14.40 -22.03 4.44
CA ALA A 71 12.92 -21.97 4.48
C ALA A 71 12.34 -22.38 3.12
N ALA A 72 12.88 -21.84 2.02
CA ALA A 72 12.37 -22.02 0.64
C ALA A 72 12.58 -23.46 0.15
N LYS A 73 13.62 -24.15 0.65
CA LYS A 73 13.96 -25.56 0.30
C LYS A 73 13.25 -26.50 1.27
N LYS A 74 11.91 -26.51 1.23
CA LYS A 74 11.05 -27.40 2.04
C LYS A 74 9.64 -27.38 1.43
N PHE A 81 5.52 -21.85 8.12
CA PHE A 81 6.50 -20.82 7.67
C PHE A 81 7.16 -21.30 6.36
N SER A 82 6.37 -21.30 5.28
CA SER A 82 6.81 -21.56 3.88
C SER A 82 7.08 -20.22 3.19
N VAL A 83 8.19 -20.13 2.45
CA VAL A 83 8.59 -18.91 1.69
C VAL A 83 8.83 -19.31 0.22
N LYS A 84 8.47 -18.42 -0.71
CA LYS A 84 8.76 -18.56 -2.17
C LYS A 84 9.76 -17.50 -2.62
N LYS A 85 10.78 -17.95 -3.36
CA LYS A 85 11.85 -17.12 -3.96
C LYS A 85 11.57 -17.01 -5.45
N THR A 86 11.60 -15.80 -6.01
CA THR A 86 11.59 -15.58 -7.48
C THR A 86 12.75 -14.65 -7.85
N ARG A 87 13.55 -15.05 -8.83
CA ARG A 87 14.70 -14.25 -9.30
C ARG A 87 14.26 -13.40 -10.48
N TYR A 88 14.67 -12.14 -10.52
CA TYR A 88 14.38 -11.22 -11.65
C TYR A 88 15.68 -10.57 -12.11
N ALA A 89 15.87 -10.46 -13.41
CA ALA A 89 16.92 -9.63 -14.02
C ALA A 89 16.47 -8.18 -13.91
N VAL A 90 17.34 -7.26 -13.52
CA VAL A 90 17.02 -5.80 -13.57
C VAL A 90 17.39 -5.28 -14.97
N ALA A 91 16.41 -5.07 -15.85
CA ALA A 91 16.64 -4.84 -17.30
C ALA A 91 17.57 -3.63 -17.51
N SER A 92 17.44 -2.60 -16.68
CA SER A 92 18.19 -1.33 -16.80
C SER A 92 19.63 -1.43 -16.25
N SER A 93 20.00 -2.52 -15.57
CA SER A 93 21.29 -2.61 -14.82
C SER A 93 22.45 -2.76 -15.80
N PRO A 94 23.43 -1.84 -15.81
CA PRO A 94 24.62 -2.01 -16.64
C PRO A 94 25.56 -3.15 -16.18
N THR A 95 25.37 -3.68 -14.96
CA THR A 95 26.19 -4.81 -14.44
C THR A 95 25.41 -6.13 -14.51
N GLY A 96 24.19 -6.16 -15.06
CA GLY A 96 23.34 -7.37 -15.12
C GLY A 96 22.89 -7.79 -13.73
N ALA A 97 22.57 -6.82 -12.88
CA ALA A 97 22.08 -7.05 -11.51
C ALA A 97 20.84 -7.95 -11.55
N GLU A 98 20.72 -8.82 -10.56
CA GLU A 98 19.54 -9.67 -10.37
C GLU A 98 19.05 -9.48 -8.95
N VAL A 99 17.75 -9.60 -8.72
CA VAL A 99 17.16 -9.50 -7.35
C VAL A 99 16.30 -10.75 -7.12
N ASP A 100 16.34 -11.23 -5.87
CA ASP A 100 15.48 -12.32 -5.38
C ASP A 100 14.39 -11.67 -4.54
N SER A 101 13.15 -11.93 -4.93
CA SER A 101 11.92 -11.53 -4.23
C SER A 101 11.45 -12.69 -3.35
N TRP A 102 11.15 -12.39 -2.09
CA TRP A 102 10.74 -13.36 -1.06
C TRP A 102 9.30 -13.07 -0.65
N ARG A 103 8.45 -14.09 -0.75
CA ARG A 103 7.00 -14.00 -0.51
C ARG A 103 6.66 -14.97 0.61
N PHE A 104 5.94 -14.53 1.64
CA PHE A 104 5.34 -15.38 2.69
C PHE A 104 3.82 -15.42 2.49
N ASN A 105 3.12 -16.40 3.06
CA ASN A 105 1.64 -16.36 3.23
C ASN A 105 1.32 -15.35 4.33
N ASP A 106 0.29 -14.52 4.16
CA ASP A 106 0.03 -13.37 5.07
C ASP A 106 -0.24 -13.87 6.50
N TRP A 107 -0.76 -15.10 6.66
CA TRP A 107 -1.06 -15.68 8.00
C TRP A 107 0.22 -16.14 8.72
N ASP A 108 1.31 -16.42 8.00
CA ASP A 108 2.60 -16.90 8.58
C ASP A 108 3.27 -15.78 9.38
N TYR A 109 2.90 -14.52 9.13
CA TYR A 109 3.49 -13.34 9.81
C TYR A 109 3.02 -13.26 11.26
N LYS A 110 1.94 -13.97 11.61
CA LYS A 110 1.40 -14.09 13.00
C LYS A 110 2.29 -15.01 13.85
N LYS A 111 3.10 -15.86 13.22
CA LYS A 111 4.05 -16.78 13.90
C LYS A 111 5.21 -15.95 14.48
N PRO A 112 5.78 -16.35 15.63
CA PRO A 112 7.01 -15.72 16.14
C PRO A 112 8.23 -16.33 15.42
N ASP A 113 9.40 -15.74 15.62
CA ASP A 113 10.71 -16.30 15.20
C ASP A 113 10.84 -16.36 13.67
N LEU A 114 10.13 -15.52 12.90
CA LEU A 114 10.45 -15.37 11.45
C LEU A 114 11.80 -14.68 11.37
N PRO A 115 12.61 -15.01 10.34
CA PRO A 115 13.86 -14.28 10.08
C PRO A 115 13.64 -12.78 9.83
N THR A 116 12.45 -12.43 9.33
CA THR A 116 12.03 -11.03 9.08
C THR A 116 10.51 -11.01 8.91
N TYR A 117 9.91 -9.86 9.19
CA TYR A 117 8.45 -9.63 9.06
C TYR A 117 8.18 -8.67 7.89
N ALA A 118 9.19 -8.45 7.02
CA ALA A 118 9.08 -7.61 5.81
C ALA A 118 8.00 -8.21 4.91
N ARG A 119 7.10 -7.35 4.40
CA ARG A 119 6.12 -7.68 3.35
C ARG A 119 6.55 -6.94 2.07
N GLY A 120 7.18 -7.66 1.16
CA GLY A 120 7.99 -7.06 0.11
C GLY A 120 9.45 -7.06 0.56
N LEU A 121 10.25 -7.91 -0.06
CA LEU A 121 11.66 -8.04 0.30
C LEU A 121 12.41 -8.54 -0.92
N PHE A 122 13.38 -7.78 -1.36
CA PHE A 122 14.24 -8.13 -2.52
C PHE A 122 15.69 -8.05 -2.06
N THR A 123 16.44 -9.12 -2.28
CA THR A 123 17.87 -9.23 -1.91
C THR A 123 18.66 -9.31 -3.20
N THR A 124 19.93 -8.97 -3.16
CA THR A 124 20.80 -8.95 -4.35
C THR A 124 22.23 -9.26 -3.91
N ARG A 125 23.10 -9.59 -4.87
CA ARG A 125 24.58 -9.49 -4.74
C ARG A 125 25.02 -8.31 -5.62
N THR A 126 25.80 -7.38 -5.09
CA THR A 126 26.45 -6.33 -5.90
C THR A 126 27.41 -6.94 -6.92
N GLN A 127 27.87 -6.14 -7.87
CA GLN A 127 28.92 -6.49 -8.86
C GLN A 127 30.19 -6.90 -8.12
N HIS A 128 30.35 -6.49 -6.85
CA HIS A 128 31.51 -6.80 -5.97
C HIS A 128 31.28 -8.09 -5.15
N GLY A 129 30.10 -8.72 -5.26
CA GLY A 129 29.75 -9.97 -4.58
C GLY A 129 29.25 -9.74 -3.17
N VAL A 130 28.90 -8.49 -2.83
CA VAL A 130 28.36 -8.16 -1.48
C VAL A 130 26.86 -8.43 -1.45
N PRO A 131 26.36 -9.18 -0.44
CA PRO A 131 24.93 -9.42 -0.30
C PRO A 131 24.25 -8.21 0.35
N GLU A 132 23.15 -7.74 -0.25
CA GLU A 132 22.40 -6.55 0.21
C GLU A 132 20.90 -6.81 0.15
N ILE A 133 20.17 -6.13 1.02
CA ILE A 133 18.70 -5.88 0.85
C ILE A 133 18.57 -4.73 -0.15
N ALA A 134 17.91 -4.97 -1.28
CA ALA A 134 17.67 -3.97 -2.35
C ALA A 134 16.34 -3.25 -2.09
N VAL A 135 15.36 -3.97 -1.54
CA VAL A 135 13.98 -3.49 -1.31
C VAL A 135 13.46 -4.08 -0.01
N ARG A 136 12.96 -3.21 0.86
CA ARG A 136 12.36 -3.62 2.13
C ARG A 136 11.02 -2.91 2.32
N GLY A 137 9.94 -3.69 2.24
CA GLY A 137 8.57 -3.21 2.51
C GLY A 137 8.36 -2.97 3.99
N TYR A 138 7.17 -2.54 4.36
CA TYR A 138 6.75 -2.45 5.78
C TYR A 138 6.70 -3.88 6.31
N ASP A 139 6.78 -4.02 7.63
CA ASP A 139 6.37 -5.29 8.25
C ASP A 139 4.89 -5.50 7.91
N LYS A 140 4.47 -6.76 7.82
CA LYS A 140 3.02 -7.09 7.74
C LYS A 140 2.32 -6.47 8.95
N PHE A 141 1.23 -5.74 8.71
CA PHE A 141 0.42 -5.14 9.78
C PHE A 141 -1.04 -5.59 9.57
N PHE A 142 -1.84 -5.48 10.62
CA PHE A 142 -3.18 -6.11 10.70
C PHE A 142 -4.22 -5.07 11.10
N ASN A 143 -5.48 -5.31 10.71
CA ASN A 143 -6.66 -4.52 11.15
C ASN A 143 -6.92 -4.77 12.64
N ILE A 144 -7.56 -3.81 13.31
CA ILE A 144 -8.08 -3.96 14.71
C ILE A 144 -8.73 -5.35 14.84
N ASP A 145 -8.42 -6.08 15.92
CA ASP A 145 -9.12 -7.32 16.36
C ASP A 145 -8.89 -8.46 15.36
N GLU A 146 -7.81 -8.39 14.59
CA GLU A 146 -7.43 -9.45 13.61
C GLU A 146 -6.36 -10.35 14.25
N THR A 147 -5.64 -9.82 15.25
CA THR A 147 -4.55 -10.48 15.99
C THR A 147 -4.63 -10.03 17.45
N ARG A 148 -4.03 -10.79 18.37
CA ARG A 148 -3.99 -10.43 19.82
C ARG A 148 -3.45 -9.00 19.94
N ASP A 149 -2.37 -8.69 19.21
CA ASP A 149 -1.61 -7.40 19.28
C ASP A 149 -2.47 -6.20 18.88
N THR A 150 -3.52 -6.39 18.06
CA THR A 150 -4.36 -5.32 17.46
C THR A 150 -5.76 -5.28 18.08
N ALA A 151 -5.94 -5.85 19.28
CA ALA A 151 -7.10 -5.53 20.16
C ALA A 151 -6.81 -4.18 20.82
N TRP A 152 -7.84 -3.35 20.99
CA TRP A 152 -7.70 -1.98 21.54
C TRP A 152 -7.06 -2.01 22.93
N SER A 153 -7.34 -3.06 23.71
CA SER A 153 -6.73 -3.27 25.05
C SER A 153 -5.22 -3.48 24.90
N ALA A 154 -4.81 -4.36 23.99
CA ALA A 154 -3.40 -4.64 23.66
C ALA A 154 -2.73 -3.33 23.20
N ILE A 155 -3.34 -2.64 22.25
CA ILE A 155 -2.80 -1.37 21.68
C ILE A 155 -2.61 -0.36 22.83
N ARG A 156 -3.68 -0.10 23.58
CA ARG A 156 -3.67 0.86 24.73
C ARG A 156 -2.52 0.51 25.69
N GLU A 157 -2.25 -0.78 25.90
CA GLU A 157 -1.26 -1.26 26.90
C GLU A 157 0.18 -1.14 26.35
N ARG A 158 0.45 -1.58 25.12
CA ARG A 158 1.84 -1.88 24.63
C ARG A 158 2.40 -0.80 23.69
N THR A 159 1.60 0.16 23.21
CA THR A 159 2.10 1.20 22.27
C THR A 159 2.25 2.53 22.99
N LYS A 160 3.14 3.38 22.47
CA LYS A 160 3.23 4.82 22.80
C LYS A 160 3.14 5.63 21.51
N GLY A 161 2.50 6.80 21.60
CA GLY A 161 2.38 7.80 20.52
C GLY A 161 3.54 8.78 20.58
N PRO A 162 3.45 9.95 19.90
CA PRO A 162 2.27 10.34 19.14
C PRO A 162 1.89 9.30 18.07
N TYR A 163 0.59 9.21 17.74
CA TYR A 163 0.02 8.27 16.74
C TYR A 163 -0.12 9.02 15.42
N GLU A 164 0.57 8.52 14.39
CA GLU A 164 0.41 9.00 12.99
C GLU A 164 -0.74 8.24 12.34
N LEU A 165 -1.81 8.94 11.97
CA LEU A 165 -2.92 8.37 11.19
C LEU A 165 -2.67 8.76 9.73
N THR A 166 -2.36 7.77 8.89
CA THR A 166 -2.02 8.03 7.47
C THR A 166 -3.17 7.47 6.62
N LEU A 167 -3.68 8.27 5.69
CA LEU A 167 -4.75 7.82 4.76
C LEU A 167 -4.30 6.55 4.07
N LYS A 168 -5.19 5.57 3.96
CA LYS A 168 -4.89 4.29 3.26
C LYS A 168 -5.36 4.44 1.81
N GLU A 169 -4.49 4.95 0.93
CA GLU A 169 -4.78 5.14 -0.51
C GLU A 169 -5.02 3.76 -1.12
N ASN A 170 -5.88 3.69 -2.12
CA ASN A 170 -6.46 2.42 -2.64
C ASN A 170 -5.90 2.15 -4.05
N GLY A 171 -4.74 1.52 -4.14
CA GLY A 171 -4.16 1.18 -5.45
C GLY A 171 -3.34 -0.07 -5.35
N CYS A 172 -2.15 -0.07 -5.93
CA CYS A 172 -1.16 -1.15 -5.71
C CYS A 172 0.11 -0.52 -5.16
N ILE A 173 0.85 -1.29 -4.38
CA ILE A 173 2.11 -0.82 -3.75
C ILE A 173 3.18 -0.82 -4.83
N ILE A 174 4.04 0.17 -4.75
CA ILE A 174 5.26 0.34 -5.57
C ILE A 174 6.43 0.63 -4.63
N PHE A 175 7.49 -0.13 -4.81
CA PHE A 175 8.79 0.03 -4.10
C PHE A 175 9.82 0.64 -5.06
N ILE A 176 10.56 1.62 -4.59
CA ILE A 176 11.62 2.27 -5.40
C ILE A 176 12.90 2.31 -4.56
N SER A 177 14.02 1.90 -5.14
CA SER A 177 15.34 1.89 -4.44
C SER A 177 16.43 2.13 -5.46
N GLY A 178 17.66 2.40 -5.00
CA GLY A 178 18.84 2.54 -5.86
C GLY A 178 19.83 1.42 -5.61
N LEU A 179 20.27 0.74 -6.67
CA LEU A 179 21.23 -0.38 -6.58
C LEU A 179 22.64 0.21 -6.47
N GLU A 180 23.56 -0.62 -5.98
CA GLU A 180 24.99 -0.25 -5.84
C GLU A 180 25.51 0.33 -7.17
N ASP A 181 25.10 -0.21 -8.32
CA ASP A 181 25.62 0.24 -9.64
C ASP A 181 24.87 1.50 -10.13
N GLY A 182 23.99 2.10 -9.33
CA GLY A 182 23.32 3.38 -9.67
C GLY A 182 21.98 3.21 -10.38
N THR A 183 21.56 1.98 -10.66
CA THR A 183 20.27 1.67 -11.33
C THR A 183 19.10 2.01 -10.40
N LEU A 184 18.07 2.67 -10.90
CA LEU A 184 16.81 2.82 -10.16
C LEU A 184 15.99 1.53 -10.30
N LEU A 185 15.65 0.90 -9.19
CA LEU A 185 14.82 -0.34 -9.19
C LEU A 185 13.39 0.08 -8.85
N VAL A 186 12.42 -0.31 -9.67
CA VAL A 186 10.99 -0.08 -9.39
C VAL A 186 10.32 -1.44 -9.33
N CYS A 187 9.73 -1.76 -8.18
CA CYS A 187 9.07 -3.07 -7.98
C CYS A 187 7.62 -2.86 -7.62
N SER A 188 6.79 -3.85 -7.96
CA SER A 188 5.46 -4.07 -7.35
C SER A 188 5.68 -4.89 -6.07
N LYS A 189 4.64 -5.42 -5.44
CA LYS A 189 4.75 -6.03 -4.10
C LYS A 189 5.80 -7.14 -4.12
N HIS A 190 5.81 -7.98 -5.17
CA HIS A 190 6.68 -9.18 -5.26
C HIS A 190 7.37 -9.29 -6.62
N SER A 191 7.24 -8.30 -7.49
CA SER A 191 7.74 -8.45 -8.89
C SER A 191 8.43 -7.17 -9.38
N THR A 192 9.19 -7.28 -10.45
CA THR A 192 9.75 -6.13 -11.20
C THR A 192 9.89 -6.56 -12.67
N GLY A 193 10.07 -5.60 -13.58
CA GLY A 193 10.16 -5.86 -15.03
C GLY A 193 8.79 -5.87 -15.69
N ASP A 194 8.77 -5.87 -17.02
CA ASP A 194 7.50 -5.83 -17.79
C ASP A 194 7.06 -7.28 -18.03
N ARG A 195 5.75 -7.53 -18.08
CA ARG A 195 5.18 -8.88 -18.33
C ARG A 195 5.29 -9.17 -19.84
N SER A 196 5.48 -10.45 -20.18
CA SER A 196 5.94 -10.94 -21.52
C SER A 196 5.06 -10.41 -22.66
N ASP A 197 3.76 -10.23 -22.41
CA ASP A 197 2.75 -9.80 -23.42
C ASP A 197 2.73 -8.27 -23.52
N VAL A 198 1.71 -7.69 -24.17
CA VAL A 198 1.59 -6.22 -24.44
C VAL A 198 0.80 -5.55 -23.30
N ALA A 199 0.36 -6.32 -22.30
CA ALA A 199 -0.13 -5.82 -21.00
C ALA A 199 1.04 -5.22 -20.20
N LEU A 200 0.88 -4.00 -19.72
CA LEU A 200 1.86 -3.29 -18.85
C LEU A 200 1.83 -3.91 -17.45
N SER A 201 2.97 -4.29 -16.87
CA SER A 201 3.04 -4.73 -15.44
C SER A 201 2.71 -3.54 -14.54
N HIS A 202 2.28 -3.78 -13.30
CA HIS A 202 2.15 -2.76 -12.24
C HIS A 202 3.48 -2.04 -12.02
N SER A 203 4.60 -2.76 -11.95
CA SER A 203 5.93 -2.14 -11.73
C SER A 203 6.25 -1.20 -12.90
N SER A 204 6.00 -1.57 -14.16
CA SER A 204 6.34 -0.70 -15.32
C SER A 204 5.45 0.55 -15.32
N ALA A 205 4.15 0.36 -15.04
CA ALA A 205 3.16 1.46 -14.92
C ALA A 205 3.64 2.43 -13.84
N GLY A 206 4.08 1.92 -12.69
CA GLY A 206 4.66 2.74 -11.61
C GLY A 206 5.87 3.51 -12.11
N GLU A 207 6.73 2.85 -12.87
CA GLU A 207 7.97 3.49 -13.36
C GLU A 207 7.59 4.58 -14.37
N LYS A 208 6.56 4.36 -15.17
CA LYS A 208 6.14 5.38 -16.17
C LYS A 208 5.58 6.61 -15.44
N HIS A 209 4.85 6.42 -14.35
CA HIS A 209 4.37 7.55 -13.51
C HIS A 209 5.56 8.27 -12.90
N LEU A 210 6.53 7.51 -12.38
CA LEU A 210 7.75 8.08 -11.82
C LEU A 210 8.47 8.92 -12.89
N GLU A 211 8.65 8.40 -14.10
CA GLU A 211 9.31 9.17 -15.18
C GLU A 211 8.57 10.51 -15.39
N ALA A 212 7.23 10.53 -15.42
CA ALA A 212 6.43 11.75 -15.62
C ALA A 212 6.71 12.74 -14.48
N GLN A 213 6.67 12.27 -13.23
CA GLN A 213 6.79 13.18 -12.06
C GLN A 213 8.22 13.75 -12.01
N LEU A 214 9.21 12.98 -12.42
CA LEU A 214 10.62 13.44 -12.44
C LEU A 214 10.82 14.50 -13.54
N GLU A 215 10.32 14.28 -14.75
CA GLU A 215 10.26 15.26 -15.87
C GLU A 215 9.67 16.59 -15.37
N ARG A 216 8.60 16.52 -14.60
CA ARG A 216 7.84 17.71 -14.17
C ARG A 216 8.76 18.60 -13.31
N ILE A 217 9.54 18.00 -12.41
CA ILE A 217 10.35 18.74 -11.41
C ILE A 217 11.80 18.88 -11.90
N GLY A 218 12.14 18.31 -13.06
CA GLY A 218 13.47 18.43 -13.67
C GLY A 218 14.52 17.59 -12.96
N LYS A 219 14.19 16.38 -12.50
CA LYS A 219 15.21 15.48 -11.89
C LYS A 219 15.23 14.18 -12.69
N THR A 220 16.21 13.32 -12.43
CA THR A 220 16.42 12.07 -13.21
C THR A 220 16.27 10.87 -12.29
N LYS A 221 16.07 9.71 -12.90
CA LYS A 221 16.04 8.41 -12.23
C LYS A 221 17.40 8.15 -11.59
N GLU A 222 18.50 8.46 -12.31
CA GLU A 222 19.88 8.37 -11.77
C GLU A 222 19.97 9.12 -10.44
N GLU A 223 19.51 10.38 -10.38
CA GLU A 223 19.59 11.22 -9.17
C GLU A 223 18.76 10.60 -8.05
N LEU A 224 17.56 10.10 -8.37
CA LEU A 224 16.71 9.49 -7.31
C LEU A 224 17.41 8.23 -6.77
N ALA A 225 17.97 7.40 -7.66
CA ALA A 225 18.69 6.15 -7.31
C ALA A 225 19.87 6.46 -6.38
N ARG A 226 20.64 7.48 -6.69
CA ARG A 226 21.79 7.94 -5.85
C ARG A 226 21.26 8.41 -4.48
N GLU A 227 20.17 9.16 -4.44
CA GLU A 227 19.62 9.67 -3.15
C GLU A 227 19.11 8.51 -2.26
N LEU A 228 18.37 7.56 -2.82
CA LEU A 228 17.79 6.44 -2.02
C LEU A 228 18.94 5.55 -1.53
N ARG A 229 19.93 5.30 -2.39
CA ARG A 229 21.13 4.52 -1.98
C ARG A 229 21.85 5.25 -0.83
N LYS A 230 22.06 6.55 -0.93
CA LYS A 230 22.71 7.37 0.14
C LYS A 230 21.94 7.21 1.45
N ARG A 231 20.62 7.09 1.40
CA ARG A 231 19.75 6.99 2.60
C ARG A 231 19.64 5.53 3.06
N ASN A 232 20.17 4.59 2.28
CA ASN A 232 19.96 3.13 2.40
C ASN A 232 18.46 2.84 2.54
N ALA A 233 17.66 3.35 1.61
CA ALA A 233 16.19 3.42 1.80
C ALA A 233 15.45 2.87 0.59
N THR A 234 14.25 2.35 0.89
CA THR A 234 13.16 2.01 -0.06
C THR A 234 12.06 3.06 0.10
N ALA A 235 11.70 3.71 -1.01
CA ALA A 235 10.51 4.59 -1.12
C ALA A 235 9.31 3.69 -1.39
N VAL A 236 8.25 3.86 -0.58
CA VAL A 236 7.02 3.02 -0.63
C VAL A 236 5.86 3.90 -1.04
N ALA A 237 5.28 3.61 -2.20
CA ALA A 237 4.19 4.42 -2.79
C ALA A 237 2.99 3.57 -3.15
N GLU A 238 1.84 4.22 -3.27
CA GLU A 238 0.59 3.61 -3.80
C GLU A 238 0.38 4.19 -5.20
N LEU A 239 0.41 3.33 -6.21
CA LEU A 239 0.04 3.73 -7.57
C LEU A 239 -1.49 3.73 -7.64
N CYS A 240 -2.07 4.91 -7.87
CA CYS A 240 -3.54 5.12 -7.97
C CYS A 240 -3.82 5.90 -9.24
N ASP A 241 -4.44 5.23 -10.22
CA ASP A 241 -4.66 5.80 -11.57
C ASP A 241 -5.78 5.03 -12.29
N ASP A 242 -7.01 5.56 -12.30
CA ASP A 242 -8.19 4.89 -12.90
C ASP A 242 -7.94 4.59 -14.39
N SER A 243 -7.20 5.46 -15.09
CA SER A 243 -6.82 5.30 -16.52
C SER A 243 -5.87 4.12 -16.69
N PHE A 244 -5.27 3.62 -15.61
CA PHE A 244 -4.45 2.39 -15.67
C PHE A 244 -5.30 1.23 -15.19
N GLU A 245 -5.84 1.32 -13.98
CA GLU A 245 -6.66 0.24 -13.36
C GLU A 245 -7.54 0.87 -12.27
N GLU A 246 -8.84 0.58 -12.28
CA GLU A 246 -9.76 1.04 -11.22
C GLU A 246 -9.65 0.05 -10.06
N HIS A 247 -9.64 0.60 -8.85
CA HIS A 247 -9.89 -0.16 -7.60
C HIS A 247 -11.30 0.23 -7.14
N ILE A 248 -11.47 0.67 -5.90
CA ILE A 248 -12.79 1.01 -5.32
C ILE A 248 -12.92 2.54 -5.29
N LEU A 249 -11.97 3.24 -4.69
CA LEU A 249 -11.95 4.72 -4.66
C LEU A 249 -11.50 5.25 -6.03
N ALA A 250 -12.05 6.39 -6.44
CA ALA A 250 -11.80 6.99 -7.78
C ALA A 250 -10.51 7.80 -7.72
N TYR A 251 -9.63 7.62 -8.70
CA TYR A 251 -8.48 8.54 -8.92
C TYR A 251 -8.48 9.01 -10.38
N GLY A 252 -9.12 10.16 -10.60
CA GLY A 252 -9.16 10.84 -11.90
C GLY A 252 -7.79 11.39 -12.25
N PRO A 253 -7.57 11.88 -13.50
CA PRO A 253 -6.25 12.32 -13.94
C PRO A 253 -5.57 13.34 -13.02
N ASP A 254 -6.35 14.24 -12.40
CA ASP A 254 -5.81 15.31 -11.51
C ASP A 254 -5.25 14.70 -10.23
N LYS A 255 -5.74 13.53 -9.83
CA LYS A 255 -5.33 12.87 -8.55
C LYS A 255 -4.47 11.63 -8.81
N ALA A 256 -4.23 11.28 -10.08
CA ALA A 256 -3.55 10.01 -10.44
C ALA A 256 -2.05 10.18 -10.20
N GLY A 257 -1.39 9.10 -9.77
CA GLY A 257 0.08 9.01 -9.71
C GLY A 257 0.50 8.18 -8.50
N LEU A 258 1.74 8.37 -8.05
CA LEU A 258 2.36 7.66 -6.93
C LEU A 258 2.15 8.47 -5.63
N TYR A 259 1.33 7.96 -4.72
CA TYR A 259 1.16 8.53 -3.36
C TYR A 259 2.26 7.94 -2.48
N LEU A 260 3.26 8.76 -2.12
CA LEU A 260 4.36 8.27 -1.27
C LEU A 260 3.81 8.16 0.15
N HIS A 261 3.79 6.97 0.74
CA HIS A 261 3.30 6.80 2.14
C HIS A 261 4.40 6.32 3.08
N GLY A 262 5.54 5.89 2.55
CA GLY A 262 6.63 5.39 3.42
C GLY A 262 8.03 5.53 2.85
N ILE A 263 9.00 5.55 3.75
CA ILE A 263 10.45 5.35 3.43
C ILE A 263 11.02 4.42 4.50
N ASN A 264 11.44 3.22 4.09
CA ASN A 264 11.98 2.22 5.05
C ASN A 264 13.50 2.11 4.87
N LEU A 265 14.22 1.76 5.95
CA LEU A 265 15.66 1.39 5.83
C LEU A 265 15.76 -0.05 5.32
N ASN A 266 16.76 -0.28 4.47
CA ASN A 266 17.07 -1.60 3.84
C ASN A 266 17.93 -2.41 4.81
N ILE A 267 17.30 -2.86 5.89
CA ILE A 267 17.90 -3.69 6.98
C ILE A 267 16.86 -4.72 7.40
N PRO A 268 17.24 -5.83 8.08
CA PRO A 268 16.29 -6.85 8.51
C PRO A 268 15.22 -6.28 9.45
N GLU A 269 15.61 -5.37 10.33
CA GLU A 269 14.70 -4.74 11.32
C GLU A 269 13.78 -3.76 10.58
N PHE A 270 12.73 -3.28 11.23
CA PHE A 270 11.76 -2.33 10.63
C PHE A 270 12.01 -0.96 11.26
N ILE A 271 12.59 -0.07 10.46
CA ILE A 271 12.77 1.37 10.79
C ILE A 271 12.25 2.17 9.61
N THR A 272 11.24 2.98 9.87
CA THR A 272 10.50 3.76 8.84
C THR A 272 10.63 5.26 9.16
N TYR A 273 10.54 6.12 8.14
CA TYR A 273 10.61 7.59 8.36
C TYR A 273 9.35 8.10 9.05
N PRO A 274 9.46 9.09 9.97
CA PRO A 274 8.30 9.87 10.40
C PRO A 274 7.59 10.50 9.17
N SER A 275 6.27 10.57 9.20
CA SER A 275 5.47 10.95 8.01
C SER A 275 5.80 12.37 7.55
N PRO A 276 6.07 13.38 8.41
CA PRO A 276 6.47 14.70 7.93
C PRO A 276 7.73 14.67 7.03
N LEU A 277 8.68 13.77 7.30
CA LEU A 277 9.89 13.56 6.45
C LEU A 277 9.51 12.84 5.14
N VAL A 278 8.51 11.96 5.19
CA VAL A 278 7.93 11.31 3.97
C VAL A 278 7.35 12.42 3.07
N GLN A 279 6.55 13.32 3.63
CA GLN A 279 5.89 14.40 2.85
C GLN A 279 6.94 15.35 2.26
N LYS A 280 8.03 15.61 2.99
CA LYS A 280 9.17 16.45 2.52
C LYS A 280 9.83 15.72 1.34
N PHE A 281 10.13 14.43 1.48
CA PHE A 281 10.71 13.65 0.37
C PHE A 281 9.74 13.68 -0.83
N ALA A 282 8.43 13.53 -0.58
CA ALA A 282 7.39 13.56 -1.63
C ALA A 282 7.52 14.85 -2.44
N GLU A 283 7.64 15.99 -1.77
CA GLU A 283 7.73 17.31 -2.46
C GLU A 283 9.03 17.39 -3.26
N ASP A 284 10.16 16.97 -2.67
CA ASP A 284 11.49 17.05 -3.31
C ASP A 284 11.55 16.17 -4.55
N TRP A 285 10.76 15.10 -4.63
CA TRP A 285 10.94 14.12 -5.74
C TRP A 285 9.65 13.95 -6.56
N GLY A 286 8.68 14.83 -6.34
CA GLY A 286 7.49 14.96 -7.21
C GLY A 286 6.44 13.88 -6.95
N PHE A 287 6.45 13.22 -5.79
CA PHE A 287 5.35 12.27 -5.41
C PHE A 287 4.11 13.04 -4.97
N ARG A 288 2.94 12.41 -5.08
CA ARG A 288 1.72 12.85 -4.35
C ARG A 288 1.90 12.52 -2.86
N LYS A 289 1.45 13.41 -1.99
CA LYS A 289 1.55 13.24 -0.52
C LYS A 289 0.38 12.41 0.00
N THR A 290 0.63 11.61 1.04
CA THR A 290 -0.40 10.84 1.76
C THR A 290 -0.82 11.66 2.99
N GLY A 291 -2.12 11.95 3.10
CA GLY A 291 -2.66 12.78 4.18
C GLY A 291 -2.34 12.20 5.54
N LEU A 292 -2.04 13.07 6.50
CA LEU A 292 -1.54 12.70 7.86
C LEU A 292 -2.33 13.44 8.93
N ILE A 293 -2.66 12.75 10.03
CA ILE A 293 -3.16 13.33 11.31
C ILE A 293 -2.28 12.78 12.43
N ILE A 294 -1.72 13.65 13.28
CA ILE A 294 -0.97 13.22 14.49
C ILE A 294 -1.88 13.43 15.71
N ILE A 295 -2.19 12.36 16.43
CA ILE A 295 -3.02 12.34 17.66
C ILE A 295 -2.15 11.74 18.78
N ASP A 296 -2.13 12.41 19.94
CA ASP A 296 -1.21 12.07 21.06
C ASP A 296 -1.78 10.89 21.84
N ASN A 297 -3.08 10.93 22.12
CA ASN A 297 -3.78 10.04 23.09
C ASN A 297 -4.49 8.92 22.32
N ILE A 298 -4.24 7.66 22.70
CA ILE A 298 -4.78 6.45 22.02
C ILE A 298 -6.32 6.40 22.06
N ASP A 299 -6.96 6.97 23.09
CA ASP A 299 -8.44 6.92 23.24
C ASP A 299 -9.07 7.90 22.23
N ASP A 300 -8.43 9.06 22.04
CA ASP A 300 -8.77 10.03 20.95
C ASP A 300 -8.62 9.35 19.59
N VAL A 301 -7.60 8.52 19.41
CA VAL A 301 -7.40 7.79 18.13
C VAL A 301 -8.63 6.92 17.90
N LYS A 302 -9.02 6.13 18.91
CA LYS A 302 -10.17 5.19 18.83
C LYS A 302 -11.45 5.99 18.50
N ALA A 303 -11.69 7.08 19.22
CA ALA A 303 -12.91 7.91 19.10
C ALA A 303 -13.04 8.43 17.66
N PHE A 304 -11.99 9.10 17.18
CA PHE A 304 -11.88 9.66 15.81
C PHE A 304 -12.23 8.58 14.78
N LEU A 305 -11.59 7.41 14.87
CA LEU A 305 -11.74 6.33 13.86
C LEU A 305 -13.18 5.81 13.88
N GLU A 306 -13.77 5.59 15.07
CA GLU A 306 -15.18 5.17 15.23
C GLU A 306 -16.12 6.20 14.60
N GLU A 307 -15.85 7.48 14.80
CA GLU A 307 -16.68 8.59 14.23
C GLU A 307 -16.66 8.52 12.70
N VAL A 308 -15.49 8.33 12.09
CA VAL A 308 -15.37 8.25 10.60
C VAL A 308 -16.07 6.98 10.12
N ALA A 309 -16.00 5.88 10.88
CA ALA A 309 -16.57 4.55 10.53
C ALA A 309 -18.07 4.66 10.23
N GLU A 310 -18.76 5.61 10.86
CA GLU A 310 -20.23 5.83 10.69
C GLU A 310 -20.53 6.13 9.22
N THR A 311 -19.64 6.87 8.57
CA THR A 311 -19.83 7.57 7.27
C THR A 311 -18.98 6.88 6.18
N GLY A 312 -17.76 6.43 6.52
CA GLY A 312 -16.75 5.97 5.56
C GLY A 312 -16.21 7.13 4.72
N ALA A 313 -16.33 8.35 5.21
CA ALA A 313 -15.88 9.59 4.52
C ALA A 313 -15.29 10.54 5.57
N HIS A 314 -14.36 11.39 5.15
CA HIS A 314 -13.60 12.35 6.02
C HIS A 314 -13.23 13.59 5.19
N ASP A 315 -13.37 14.76 5.78
CA ASP A 315 -12.96 16.07 5.20
C ASP A 315 -13.48 16.19 3.75
N GLY A 316 -14.72 15.73 3.51
CA GLY A 316 -15.40 15.78 2.20
C GLY A 316 -15.19 14.53 1.36
N ARG A 317 -14.05 13.83 1.53
CA ARG A 317 -13.64 12.72 0.63
C ARG A 317 -14.03 11.37 1.22
N ASP A 318 -14.40 10.43 0.36
CA ASP A 318 -14.47 8.98 0.72
C ASP A 318 -13.07 8.54 1.20
N VAL A 319 -13.01 7.77 2.27
CA VAL A 319 -11.75 7.24 2.87
C VAL A 319 -12.00 5.77 3.22
N GLU A 320 -11.19 4.88 2.66
CA GLU A 320 -11.32 3.40 2.76
C GLU A 320 -10.75 2.94 4.11
N GLY A 321 -9.85 3.72 4.71
CA GLY A 321 -9.16 3.32 5.95
C GLY A 321 -8.01 4.23 6.31
N PHE A 322 -7.42 3.98 7.48
CA PHE A 322 -6.18 4.62 7.96
C PHE A 322 -5.17 3.55 8.32
N VAL A 323 -3.90 3.86 8.12
CA VAL A 323 -2.78 3.08 8.68
C VAL A 323 -2.21 3.93 9.81
N ILE A 324 -2.28 3.38 11.03
CA ILE A 324 -1.85 4.06 12.28
C ILE A 324 -0.45 3.54 12.61
N ARG A 325 0.47 4.47 12.79
CA ARG A 325 1.92 4.20 12.97
C ARG A 325 2.34 4.72 14.34
N CYS A 326 3.04 3.90 15.10
CA CYS A 326 3.46 4.26 16.48
C CYS A 326 4.67 3.42 16.85
N LYS A 327 4.99 3.36 18.15
CA LYS A 327 6.09 2.55 18.71
C LYS A 327 5.47 1.50 19.64
N LYS A 328 5.98 0.27 19.59
CA LYS A 328 5.48 -0.88 20.40
C LYS A 328 6.67 -1.54 21.10
N SER A 329 6.46 -1.96 22.35
CA SER A 329 7.42 -2.76 23.16
C SER A 329 6.75 -4.09 23.54
N THR A 330 7.50 -5.18 23.42
CA THR A 330 7.11 -6.53 23.90
C THR A 330 6.65 -6.42 25.36
N ASN A 331 7.39 -5.67 26.19
CA ASN A 331 7.13 -5.43 27.63
C ASN A 331 6.11 -4.32 27.80
N PRO A 332 4.90 -4.59 28.33
CA PRO A 332 3.84 -3.57 28.42
C PRO A 332 4.12 -2.45 29.44
N GLY A 333 5.27 -1.77 29.35
CA GLY A 333 5.66 -0.65 30.23
C GLY A 333 7.18 -0.52 30.34
N GLY A 335 9.76 -1.50 27.54
CA GLY A 335 11.12 -2.03 27.33
C GLY A 335 11.88 -1.21 26.29
N PRO A 336 12.45 -1.84 25.24
CA PRO A 336 12.83 -1.14 24.01
C PRO A 336 11.63 -1.03 23.06
N TYR A 337 11.48 0.11 22.37
CA TYR A 337 10.35 0.40 21.45
C TYR A 337 10.80 0.24 19.99
N HIS A 338 9.88 -0.26 19.15
CA HIS A 338 10.09 -0.51 17.70
C HIS A 338 8.93 0.08 16.89
N ASP A 339 9.21 0.56 15.68
CA ASP A 339 8.16 1.07 14.76
C ASP A 339 7.13 -0.03 14.58
N TRP A 340 5.85 0.28 14.69
CA TRP A 340 4.74 -0.71 14.62
C TRP A 340 3.50 -0.03 14.05
N PHE A 341 2.83 -0.72 13.13
CA PHE A 341 1.62 -0.21 12.42
C PHE A 341 0.45 -1.13 12.76
N PHE A 342 -0.75 -0.57 12.72
CA PHE A 342 -2.01 -1.33 12.55
C PHE A 342 -2.90 -0.53 11.61
N LYS A 343 -3.91 -1.18 11.05
CA LYS A 343 -4.90 -0.50 10.18
C LYS A 343 -6.26 -0.46 10.87
N TYR A 344 -7.07 0.49 10.43
CA TYR A 344 -8.52 0.61 10.72
C TYR A 344 -9.23 0.76 9.37
N LYS A 345 -9.72 -0.35 8.82
CA LYS A 345 -10.53 -0.36 7.58
C LYS A 345 -11.91 0.14 7.95
N PHE A 346 -12.53 0.92 7.06
CA PHE A 346 -13.96 1.29 7.13
C PHE A 346 -14.71 0.29 6.26
N GLU A 347 -15.59 -0.51 6.89
CA GLU A 347 -16.25 -1.69 6.28
C GLU A 347 -17.18 -1.22 5.16
N GLU A 348 -17.95 -0.16 5.40
CA GLU A 348 -19.03 0.29 4.48
C GLU A 348 -18.85 1.77 4.14
N PRO A 349 -19.18 2.19 2.91
CA PRO A 349 -19.75 1.31 1.89
C PRO A 349 -18.82 0.44 1.02
N TYR A 350 -17.54 0.31 1.41
CA TYR A 350 -16.48 -0.22 0.51
C TYR A 350 -16.68 -1.73 0.37
N LEU A 351 -17.11 -2.44 1.42
CA LEU A 351 -17.39 -3.91 1.32
C LEU A 351 -18.46 -4.14 0.26
N MSE A 352 -19.49 -3.29 0.27
CA MSE A 352 -20.60 -3.44 -0.67
C MSE A 352 -20.13 -3.23 -2.10
O MSE A 352 -20.47 -4.02 -2.98
CB MSE A 352 -21.72 -2.43 -0.35
CG MSE A 352 -23.02 -2.72 -1.09
SE MSE A 352 -24.33 -1.32 -0.73
CE MSE A 352 -23.61 0.38 -1.34
N TYR A 353 -19.33 -2.17 -2.29
CA TYR A 353 -18.77 -1.85 -3.59
C TYR A 353 -17.94 -3.02 -4.14
N ARG A 354 -17.12 -3.64 -3.28
CA ARG A 354 -16.26 -4.77 -3.68
C ARG A 354 -17.17 -5.94 -4.07
N GLN A 355 -18.19 -6.20 -3.27
CA GLN A 355 -19.19 -7.25 -3.59
C GLN A 355 -19.79 -6.96 -4.98
N TRP A 356 -20.18 -5.72 -5.25
CA TRP A 356 -20.82 -5.37 -6.55
C TRP A 356 -19.83 -5.68 -7.68
N ARG A 357 -18.54 -5.39 -7.49
CA ARG A 357 -17.53 -5.65 -8.53
C ARG A 357 -17.45 -7.14 -8.76
N GLU A 358 -17.27 -7.93 -7.70
CA GLU A 358 -17.09 -9.39 -7.87
C GLU A 358 -18.37 -9.99 -8.48
N CYS A 359 -19.55 -9.57 -8.01
CA CYS A 359 -20.87 -10.05 -8.54
C CYS A 359 -20.99 -9.74 -10.03
N THR A 360 -20.54 -8.56 -10.46
CA THR A 360 -20.60 -8.11 -11.87
C THR A 360 -19.65 -8.98 -12.69
N LYS A 361 -18.44 -9.26 -12.19
CA LYS A 361 -17.45 -10.10 -12.93
C LYS A 361 -18.00 -11.53 -13.04
N ALA A 362 -18.66 -12.02 -12.00
CA ALA A 362 -19.34 -13.34 -12.04
C ALA A 362 -20.43 -13.32 -13.12
N LEU A 363 -21.30 -12.31 -13.10
CA LEU A 363 -22.36 -12.12 -14.12
C LEU A 363 -21.77 -12.30 -15.52
N ILE A 364 -20.68 -11.58 -15.80
CA ILE A 364 -20.01 -11.57 -17.12
C ILE A 364 -19.42 -12.96 -17.42
N SER A 365 -18.78 -13.63 -16.44
CA SER A 365 -18.05 -14.90 -16.64
C SER A 365 -19.00 -16.10 -16.65
N GLY A 366 -20.20 -15.98 -16.10
CA GLY A 366 -21.17 -17.09 -16.04
C GLY A 366 -21.09 -17.86 -14.72
N LYS A 367 -20.25 -17.42 -13.79
CA LYS A 367 -20.17 -17.98 -12.41
C LYS A 367 -21.24 -17.33 -11.54
N GLN A 368 -21.72 -18.03 -10.52
CA GLN A 368 -22.84 -17.55 -9.68
C GLN A 368 -22.31 -16.38 -8.87
N PRO A 369 -22.91 -15.16 -8.98
CA PRO A 369 -22.60 -14.07 -8.05
C PRO A 369 -22.74 -14.53 -6.60
N LYS A 370 -21.74 -14.20 -5.77
CA LYS A 370 -21.71 -14.50 -4.32
C LYS A 370 -22.31 -13.30 -3.56
N ILE A 371 -23.60 -13.39 -3.25
CA ILE A 371 -24.30 -12.32 -2.46
C ILE A 371 -24.16 -12.70 -1.00
N LYS A 372 -23.42 -11.92 -0.22
CA LYS A 372 -23.11 -12.29 1.19
C LYS A 372 -23.75 -11.28 2.15
N LYS A 373 -24.01 -10.08 1.67
CA LYS A 373 -24.50 -8.93 2.48
C LYS A 373 -25.25 -8.03 1.51
N HIS A 374 -25.98 -7.04 2.03
CA HIS A 374 -26.69 -6.02 1.24
C HIS A 374 -27.53 -6.74 0.18
N VAL A 375 -28.29 -7.76 0.59
CA VAL A 375 -28.93 -8.72 -0.36
C VAL A 375 -29.89 -7.96 -1.30
N LYS A 376 -30.79 -7.17 -0.76
CA LYS A 376 -31.93 -6.62 -1.53
C LYS A 376 -31.40 -5.60 -2.54
N ILE A 377 -30.52 -4.70 -2.09
CA ILE A 377 -29.92 -3.66 -2.97
C ILE A 377 -29.00 -4.33 -3.99
N THR A 378 -28.34 -5.42 -3.65
CA THR A 378 -27.45 -6.15 -4.59
C THR A 378 -28.27 -6.86 -5.68
N GLU A 379 -29.36 -7.52 -5.31
CA GLU A 379 -30.34 -8.08 -6.28
C GLU A 379 -30.71 -7.00 -7.31
N GLU A 380 -31.04 -5.77 -6.86
CA GLU A 380 -31.44 -4.65 -7.76
C GLU A 380 -30.25 -4.22 -8.60
N TYR A 381 -29.07 -4.12 -7.98
CA TYR A 381 -27.84 -3.72 -8.70
C TYR A 381 -27.61 -4.71 -9.85
N LEU A 382 -27.74 -6.01 -9.60
CA LEU A 382 -27.39 -7.01 -10.62
C LEU A 382 -28.37 -7.00 -11.79
N LEU A 383 -29.65 -6.72 -11.55
CA LEU A 383 -30.64 -6.51 -12.66
C LEU A 383 -30.29 -5.23 -13.43
N TYR A 384 -29.90 -4.16 -12.74
CA TYR A 384 -29.46 -2.90 -13.39
C TYR A 384 -28.24 -3.18 -14.25
N ALA A 385 -27.26 -3.91 -13.71
CA ALA A 385 -26.00 -4.26 -14.40
C ALA A 385 -26.32 -5.05 -15.66
N ARG A 386 -27.19 -6.05 -15.55
CA ARG A 386 -27.58 -6.94 -16.68
C ARG A 386 -28.19 -6.06 -17.78
N LYS A 387 -28.99 -5.06 -17.41
CA LYS A 387 -29.58 -4.12 -18.42
C LYS A 387 -28.46 -3.31 -19.08
N ARG A 388 -27.54 -2.73 -18.31
CA ARG A 388 -26.41 -1.92 -18.85
C ARG A 388 -25.57 -2.77 -19.81
N LEU A 389 -25.24 -4.01 -19.45
CA LEU A 389 -24.41 -4.91 -20.29
C LEU A 389 -25.15 -5.30 -21.57
N ALA A 390 -26.47 -5.48 -21.53
CA ALA A 390 -27.32 -5.76 -22.71
C ALA A 390 -27.33 -4.54 -23.65
N ALA A 391 -27.40 -3.34 -23.11
CA ALA A 391 -27.48 -2.09 -23.91
C ALA A 391 -26.12 -1.80 -24.55
N ASP A 392 -25.01 -2.15 -23.91
CA ASP A 392 -23.65 -1.80 -24.40
C ASP A 392 -22.74 -3.01 -24.23
N PRO A 393 -22.62 -3.88 -25.25
CA PRO A 393 -21.96 -5.16 -25.06
C PRO A 393 -20.44 -5.04 -24.98
N LYS A 394 -19.87 -3.90 -25.37
CA LYS A 394 -18.44 -3.54 -25.12
C LYS A 394 -18.13 -3.54 -23.62
N LEU A 395 -19.10 -3.17 -22.77
CA LEU A 395 -18.88 -2.95 -21.32
C LEU A 395 -18.32 -4.21 -20.65
N ALA A 396 -18.70 -5.42 -21.04
CA ALA A 396 -18.27 -6.65 -20.31
C ALA A 396 -16.74 -6.77 -20.36
N LYS A 397 -16.15 -6.64 -21.54
CA LYS A 397 -14.67 -6.77 -21.74
C LYS A 397 -13.96 -5.64 -20.97
N LEU A 398 -14.53 -4.44 -20.97
CA LEU A 398 -13.96 -3.26 -20.25
C LEU A 398 -14.00 -3.53 -18.74
N TYR A 399 -15.14 -3.98 -18.22
CA TYR A 399 -15.33 -4.28 -16.78
C TYR A 399 -14.31 -5.34 -16.34
N ASN A 400 -14.08 -6.37 -17.17
CA ASN A 400 -13.11 -7.45 -16.91
C ASN A 400 -11.69 -6.89 -16.86
N GLN A 401 -11.43 -5.76 -17.54
CA GLN A 401 -10.09 -5.11 -17.56
C GLN A 401 -10.07 -3.92 -16.60
N ASN A 402 -11.00 -3.89 -15.66
CA ASN A 402 -11.01 -2.94 -14.52
C ASN A 402 -11.15 -1.49 -15.02
N HIS A 403 -12.04 -1.29 -16.01
CA HIS A 403 -12.53 0.03 -16.50
C HIS A 403 -14.07 0.01 -16.58
N GLY A 404 -14.74 0.98 -15.95
CA GLY A 404 -16.21 1.13 -15.97
C GLY A 404 -16.83 0.64 -14.68
N ILE A 405 -16.04 0.15 -13.73
CA ILE A 405 -16.56 -0.50 -12.49
C ILE A 405 -17.13 0.58 -11.56
N ILE A 406 -16.40 1.67 -11.41
CA ILE A 406 -16.81 2.78 -10.51
C ILE A 406 -18.00 3.51 -11.17
N LYS A 407 -17.94 3.74 -12.48
CA LYS A 407 -19.02 4.40 -13.24
C LYS A 407 -20.30 3.56 -13.12
N LEU A 408 -20.23 2.25 -13.34
CA LEU A 408 -21.44 1.40 -13.24
C LEU A 408 -22.04 1.55 -11.82
N ARG A 409 -21.20 1.48 -10.78
CA ARG A 409 -21.67 1.60 -9.37
C ARG A 409 -22.37 2.96 -9.16
N ASN A 410 -21.76 4.03 -9.65
CA ASN A 410 -22.27 5.41 -9.43
C ASN A 410 -23.54 5.60 -10.28
N ASP A 411 -23.62 5.00 -11.48
CA ASP A 411 -24.80 5.06 -12.39
C ASP A 411 -26.01 4.40 -11.71
N PHE A 412 -25.81 3.29 -11.00
CA PHE A 412 -26.89 2.60 -10.25
C PHE A 412 -27.32 3.47 -9.07
N LEU A 413 -26.36 4.04 -8.34
CA LEU A 413 -26.69 4.86 -7.15
C LEU A 413 -27.48 6.10 -7.60
N GLU A 414 -27.10 6.72 -8.72
CA GLU A 414 -27.84 7.88 -9.31
C GLU A 414 -29.25 7.42 -9.68
N TYR A 415 -29.36 6.31 -10.41
CA TYR A 415 -30.64 5.65 -10.74
C TYR A 415 -31.50 5.51 -9.48
N LYS A 416 -30.93 5.12 -8.36
CA LYS A 416 -31.67 4.91 -7.09
C LYS A 416 -31.80 6.23 -6.32
N ASN A 417 -31.16 7.30 -6.79
CA ASN A 417 -31.20 8.61 -6.08
C ASN A 417 -30.72 8.38 -4.65
N MSE A 418 -29.58 7.68 -4.50
CA MSE A 418 -29.02 7.33 -3.20
C MSE A 418 -27.52 7.57 -3.17
O MSE A 418 -26.86 7.51 -4.20
CB MSE A 418 -29.17 5.83 -2.90
CG MSE A 418 -30.57 5.34 -2.76
SE MSE A 418 -30.48 3.51 -2.07
CE MSE A 418 -30.98 3.82 -0.19
N LYS A 419 -26.99 7.78 -1.96
CA LYS A 419 -25.55 7.72 -1.71
C LYS A 419 -25.19 6.29 -1.32
N GLY A 420 -23.96 5.87 -1.60
CA GLY A 420 -23.46 4.52 -1.28
C GLY A 420 -23.74 4.17 0.17
N THR A 421 -23.52 5.14 1.05
CA THR A 421 -23.64 4.99 2.51
C THR A 421 -25.11 4.66 2.84
N ASP A 422 -26.07 5.35 2.22
CA ASP A 422 -27.53 5.06 2.36
C ASP A 422 -27.81 3.63 1.87
N ALA A 423 -27.38 3.29 0.66
CA ALA A 423 -27.51 1.93 0.06
C ALA A 423 -27.00 0.87 1.03
N ALA A 424 -25.87 1.12 1.70
CA ALA A 424 -25.24 0.13 2.60
C ALA A 424 -26.01 0.03 3.92
N ASN A 425 -26.79 1.07 4.27
CA ASN A 425 -27.56 1.15 5.54
C ASN A 425 -28.90 0.42 5.43
N LEU A 426 -29.44 0.22 4.23
CA LEU A 426 -30.75 -0.45 4.00
C LEU A 426 -30.81 -1.78 4.76
N GLU A 427 -29.78 -2.62 4.64
CA GLU A 427 -29.74 -3.97 5.27
C GLU A 427 -29.45 -3.83 6.77
PG APC B . -3.08 -6.46 -0.69
O1G APC B . -1.62 -6.10 -0.52
O2G APC B . -3.45 -7.73 0.06
O3G APC B . -3.50 -6.49 -2.13
PB APC B . -4.52 -4.99 1.47
O1B APC B . -4.56 -3.49 1.72
O2B APC B . -5.81 -5.72 1.72
O3B APC B . -3.94 -5.25 0.00
PA APC B . -3.04 -4.82 4.08
O1A APC B . -1.88 -5.45 4.80
O2A APC B . -4.34 -4.77 4.84
C3A APC B . -3.31 -5.77 2.56
O5' APC B . -2.73 -3.35 3.54
C5' APC B . -1.38 -2.90 3.33
C4' APC B . -1.28 -2.14 2.04
O4' APC B . -1.90 -0.83 2.18
C3' APC B . 0.14 -1.80 1.60
O3' APC B . 0.71 -2.91 0.89
C2' APC B . -0.06 -0.57 0.69
O2' APC B . -0.18 -0.99 -0.64
C1' APC B . -1.38 0.03 1.18
N9 APC B . -1.30 1.37 1.76
C8 APC B . -2.02 2.45 1.31
N7 APC B . -1.84 3.53 2.00
C5 APC B . -0.96 3.16 3.01
C6 APC B . -0.39 3.88 4.08
N6 APC B . -0.67 5.16 4.34
N1 APC B . 0.45 3.22 4.89
C2 APC B . 0.71 1.92 4.64
N3 APC B . 0.23 1.14 3.67
C4 APC B . -0.62 1.82 2.87
S SO4 C . -9.20 -3.33 -4.22
O1 SO4 C . -9.86 -4.55 -3.86
O2 SO4 C . -7.78 -3.51 -4.10
O3 SO4 C . -9.63 -2.29 -3.33
O4 SO4 C . -9.52 -2.97 -5.57
S SO4 D . 16.08 14.61 5.83
O1 SO4 D . 16.62 14.32 7.14
O2 SO4 D . 17.18 14.75 4.90
O3 SO4 D . 15.20 13.54 5.38
O4 SO4 D . 15.34 15.84 5.88
CL CL E . -0.40 -4.45 -3.97
CL CL F . 27.48 2.87 -1.95
CL CL G . 27.79 4.66 6.36
C1 GOL H . 1.84 -7.24 -12.73
O1 GOL H . 1.84 -8.36 -13.62
C2 GOL H . 3.00 -7.30 -11.76
O2 GOL H . 2.60 -7.99 -10.58
C3 GOL H . 3.52 -5.93 -11.38
O3 GOL H . 4.93 -5.80 -11.51
C1 GOL I . 16.40 10.13 -16.81
O1 GOL I . 15.33 9.94 -15.89
C2 GOL I . 17.28 8.90 -16.90
O2 GOL I . 16.53 7.80 -17.40
C3 GOL I . 17.91 8.52 -15.58
O3 GOL I . 19.27 8.93 -15.48
C1 GOL J . 24.42 1.21 3.36
O1 GOL J . 24.64 -0.13 3.80
C2 GOL J . 24.94 1.40 1.96
O2 GOL J . 24.67 0.24 1.18
C3 GOL J . 24.37 2.62 1.26
O3 GOL J . 23.91 3.61 2.18
C1 GOL K . -14.58 3.73 -19.50
O1 GOL K . -14.39 2.34 -19.81
C2 GOL K . -13.73 4.13 -18.31
O2 GOL K . -12.41 4.44 -18.74
C3 GOL K . -14.32 5.30 -17.54
O3 GOL K . -15.39 4.89 -16.67
#